data_1ON8
#
_entry.id   1ON8
#
_cell.length_a   125.157
_cell.length_b   125.157
_cell.length_c   83.692
_cell.angle_alpha   90.00
_cell.angle_beta   90.00
_cell.angle_gamma   90.00
#
_symmetry.space_group_name_H-M   'P 4 21 2'
#
loop_
_entity.id
_entity.type
_entity.pdbx_description
1 polymer 'Alpha-1,4-N-acetylhexosaminyltransferase EXTL2'
2 branched 'beta-D-glucopyranuronic acid-(1-3)-beta-D-galactopyranose'
3 non-polymer 'MANGANESE (II) ION'
4 non-polymer "URIDINE-5'-DIPHOSPHATE"
5 non-polymer 1,2-ETHANEDIOL
6 water water
#
_entity_poly.entity_id   1
_entity_poly.type   'polypeptide(L)'
_entity_poly.pdbx_seq_one_letter_code
;TNLLPNIKEDKMLTLRREIKSPSKSALDSFTLIMQTYNRTDLLLRLLNHYQAVPSLHKVIVVWNNVGEKGPEELWNSLGP
HPIPVIFKPQTANKMRNRLQVFPEVETNAVLMVDDDTLISAQDLVFAFSIWQQFPDQIIGFVPRKHVSTSSGIYSYGGFE
LQTPGPGNGDQYSMVLIGASFFNSKYLELFQKQPAAVHALIDETQNCDDIAMNFLVTRHTGKPSGIFVKPINMVNLEKET
NGYSGMWHRAEHFLQRSYCINKLVNIYDGMPLKYSNIMISQFGFPYANHKSKM
;
_entity_poly.pdbx_strand_id   A,B
#
loop_
_chem_comp.id
_chem_comp.type
_chem_comp.name
_chem_comp.formula
BDP D-saccharide, beta linking 'beta-D-glucopyranuronic acid' 'C6 H10 O7'
EDO non-polymer 1,2-ETHANEDIOL 'C2 H6 O2'
GAL D-saccharide, beta linking beta-D-galactopyranose 'C6 H12 O6'
MN non-polymer 'MANGANESE (II) ION' 'Mn 2'
UDP RNA linking URIDINE-5'-DIPHOSPHATE 'C9 H14 N2 O12 P2'
#
# COMPACT_ATOMS: atom_id res chain seq x y z
N ALA A 26 -25.65 -4.73 -7.08
CA ALA A 26 -24.97 -5.88 -6.40
C ALA A 26 -23.50 -5.99 -6.78
N LEU A 27 -23.14 -5.42 -7.94
CA LEU A 27 -21.76 -5.44 -8.40
C LEU A 27 -21.07 -4.17 -7.90
N ASP A 28 -19.81 -4.30 -7.50
CA ASP A 28 -19.06 -3.15 -7.00
C ASP A 28 -19.73 -2.51 -5.80
N SER A 29 -20.22 -3.35 -4.91
CA SER A 29 -20.88 -2.87 -3.72
C SER A 29 -20.50 -3.81 -2.61
N PHE A 30 -20.70 -3.35 -1.38
CA PHE A 30 -20.38 -4.15 -0.23
C PHE A 30 -21.58 -4.25 0.70
N THR A 31 -21.53 -5.22 1.59
CA THR A 31 -22.60 -5.41 2.54
C THR A 31 -22.10 -5.10 3.93
N LEU A 32 -22.80 -4.21 4.63
CA LEU A 32 -22.43 -3.87 5.98
C LEU A 32 -23.02 -4.89 6.94
N ILE A 33 -22.17 -5.52 7.75
CA ILE A 33 -22.64 -6.47 8.74
C ILE A 33 -22.29 -5.88 10.10
N MET A 34 -23.31 -5.43 10.80
CA MET A 34 -23.09 -4.83 12.12
C MET A 34 -23.79 -5.60 13.21
N GLN A 35 -23.02 -6.19 14.10
CA GLN A 35 -23.55 -6.96 15.22
C GLN A 35 -23.72 -5.96 16.37
N THR A 36 -24.90 -5.96 16.98
CA THR A 36 -25.13 -5.04 18.09
C THR A 36 -25.59 -5.75 19.37
N TYR A 37 -25.10 -5.28 20.51
CA TYR A 37 -25.47 -5.84 21.80
C TYR A 37 -25.59 -4.77 22.87
N ASN A 38 -26.79 -4.63 23.39
CA ASN A 38 -27.06 -3.64 24.43
C ASN A 38 -26.42 -2.31 24.09
N ARG A 39 -26.68 -1.85 22.86
CA ARG A 39 -26.16 -0.59 22.38
C ARG A 39 -27.11 -0.02 21.34
N THR A 40 -28.38 -0.39 21.43
CA THR A 40 -29.38 0.07 20.48
C THR A 40 -29.35 1.57 20.17
N ASP A 41 -29.11 2.40 21.18
CA ASP A 41 -29.07 3.84 20.97
C ASP A 41 -27.88 4.23 20.10
N LEU A 42 -26.75 3.60 20.35
CA LEU A 42 -25.55 3.87 19.59
C LEU A 42 -25.79 3.40 18.16
N LEU A 43 -26.42 2.23 18.04
CA LEU A 43 -26.74 1.61 16.75
C LEU A 43 -27.61 2.47 15.83
N LEU A 44 -28.67 3.04 16.37
CA LEU A 44 -29.54 3.87 15.55
C LEU A 44 -28.77 5.06 15.00
N ARG A 45 -27.87 5.63 15.80
CA ARG A 45 -27.07 6.77 15.35
C ARG A 45 -26.13 6.37 14.20
N LEU A 46 -25.39 5.29 14.39
CA LEU A 46 -24.46 4.84 13.37
C LEU A 46 -25.17 4.43 12.08
N LEU A 47 -26.36 3.86 12.23
CA LEU A 47 -27.14 3.42 11.09
C LEU A 47 -27.50 4.62 10.22
N ASN A 48 -27.74 5.77 10.85
CA ASN A 48 -28.08 6.95 10.06
C ASN A 48 -26.89 7.36 9.24
N HIS A 49 -25.71 7.03 9.75
CA HIS A 49 -24.48 7.37 9.05
C HIS A 49 -24.17 6.43 7.90
N TYR A 50 -24.04 5.14 8.21
CA TYR A 50 -23.69 4.16 7.19
C TYR A 50 -24.69 4.03 6.02
N GLN A 51 -25.97 4.19 6.30
CA GLN A 51 -26.96 4.06 5.24
C GLN A 51 -26.65 4.98 4.08
N ALA A 52 -25.98 6.11 4.35
CA ALA A 52 -25.68 7.09 3.30
C ALA A 52 -24.34 6.98 2.59
N VAL A 53 -23.61 5.91 2.87
CA VAL A 53 -22.30 5.71 2.27
C VAL A 53 -22.39 5.19 0.84
N PRO A 54 -21.49 5.64 -0.04
CA PRO A 54 -21.47 5.20 -1.44
C PRO A 54 -21.03 3.74 -1.60
N SER A 55 -21.67 3.02 -2.51
CA SER A 55 -21.36 1.63 -2.80
C SER A 55 -21.93 0.65 -1.79
N LEU A 56 -22.76 1.15 -0.86
CA LEU A 56 -23.38 0.28 0.14
C LEU A 56 -24.58 -0.40 -0.50
N HIS A 57 -24.55 -1.72 -0.58
CA HIS A 57 -25.65 -2.46 -1.18
C HIS A 57 -26.77 -2.77 -0.19
N LYS A 58 -26.39 -3.22 1.01
CA LYS A 58 -27.36 -3.62 2.01
C LYS A 58 -26.73 -3.63 3.40
N VAL A 59 -27.56 -3.59 4.42
CA VAL A 59 -27.07 -3.62 5.79
C VAL A 59 -27.73 -4.81 6.53
N ILE A 60 -26.92 -5.58 7.24
CA ILE A 60 -27.43 -6.70 8.01
C ILE A 60 -27.12 -6.50 9.50
N VAL A 61 -28.15 -6.20 10.27
CA VAL A 61 -27.99 -6.00 11.70
C VAL A 61 -28.09 -7.35 12.39
N VAL A 62 -26.99 -7.79 13.00
CA VAL A 62 -26.95 -9.06 13.73
C VAL A 62 -27.34 -8.77 15.17
N TRP A 63 -28.65 -8.87 15.43
CA TRP A 63 -29.24 -8.57 16.74
C TRP A 63 -28.96 -9.63 17.80
N ASN A 64 -28.08 -9.29 18.74
CA ASN A 64 -27.71 -10.21 19.81
C ASN A 64 -28.39 -9.94 21.15
N ASN A 65 -29.51 -9.22 21.11
CA ASN A 65 -30.26 -8.96 22.33
C ASN A 65 -31.35 -10.03 22.43
N VAL A 66 -31.03 -11.16 23.05
CA VAL A 66 -32.00 -12.24 23.17
C VAL A 66 -33.30 -11.79 23.83
N GLY A 67 -34.42 -12.15 23.22
CA GLY A 67 -35.72 -11.78 23.75
C GLY A 67 -36.04 -10.31 23.82
N GLU A 68 -35.33 -9.50 23.06
CA GLU A 68 -35.57 -8.07 23.05
C GLU A 68 -36.12 -7.68 21.67
N LYS A 69 -37.19 -6.90 21.67
CA LYS A 69 -37.83 -6.47 20.43
C LYS A 69 -36.89 -5.63 19.57
N GLY A 70 -36.64 -6.11 18.35
CA GLY A 70 -35.77 -5.40 17.43
C GLY A 70 -36.27 -3.99 17.16
N PRO A 71 -35.44 -3.13 16.56
CA PRO A 71 -35.87 -1.76 16.28
C PRO A 71 -36.58 -1.54 14.94
N GLU A 72 -36.54 -2.54 14.06
CA GLU A 72 -37.14 -2.42 12.72
C GLU A 72 -38.37 -1.53 12.58
N GLU A 73 -39.34 -1.71 13.47
CA GLU A 73 -40.55 -0.91 13.41
C GLU A 73 -40.20 0.57 13.42
N LEU A 74 -39.49 1.00 14.47
CA LEU A 74 -39.05 2.38 14.60
C LEU A 74 -38.27 2.77 13.35
N TRP A 75 -37.43 1.84 12.88
CA TRP A 75 -36.61 2.07 11.70
C TRP A 75 -37.44 2.34 10.44
N ASN A 76 -38.57 1.67 10.30
CA ASN A 76 -39.42 1.89 9.13
C ASN A 76 -40.20 3.18 9.24
N SER A 77 -40.69 3.50 10.44
CA SER A 77 -41.44 4.72 10.64
C SER A 77 -40.59 5.91 10.21
N LEU A 78 -39.27 5.70 10.19
CA LEU A 78 -38.35 6.76 9.80
C LEU A 78 -37.88 6.65 8.36
N GLY A 79 -38.48 5.74 7.61
CA GLY A 79 -38.10 5.57 6.21
C GLY A 79 -38.53 6.77 5.40
N PRO A 80 -38.22 6.82 4.09
CA PRO A 80 -37.49 5.79 3.33
C PRO A 80 -36.00 5.84 3.65
N HIS A 81 -35.33 4.73 3.39
CA HIS A 81 -33.89 4.63 3.62
C HIS A 81 -33.21 4.35 2.29
N PRO A 82 -31.95 4.79 2.13
CA PRO A 82 -31.17 4.59 0.91
C PRO A 82 -31.02 3.14 0.49
N ILE A 83 -30.92 2.24 1.47
CA ILE A 83 -30.74 0.83 1.17
C ILE A 83 -31.53 -0.06 2.13
N PRO A 84 -31.65 -1.35 1.79
CA PRO A 84 -32.39 -2.28 2.65
C PRO A 84 -31.63 -2.63 3.92
N VAL A 85 -32.34 -2.67 5.04
CA VAL A 85 -31.72 -3.03 6.30
C VAL A 85 -32.48 -4.21 6.87
N ILE A 86 -31.80 -5.34 6.92
CA ILE A 86 -32.33 -6.59 7.42
C ILE A 86 -31.91 -6.84 8.87
N PHE A 87 -32.90 -6.92 9.76
CA PHE A 87 -32.64 -7.15 11.18
C PHE A 87 -32.83 -8.61 11.51
N LYS A 88 -31.74 -9.35 11.66
CA LYS A 88 -31.85 -10.76 11.97
C LYS A 88 -31.69 -11.04 13.45
N PRO A 89 -32.76 -11.49 14.13
CA PRO A 89 -32.72 -11.80 15.56
C PRO A 89 -31.85 -13.04 15.74
N GLN A 90 -31.09 -13.11 16.82
CA GLN A 90 -30.22 -14.27 17.03
C GLN A 90 -30.66 -15.18 18.16
N THR A 91 -30.28 -16.45 18.05
CA THR A 91 -30.60 -17.45 19.05
C THR A 91 -30.00 -17.04 20.39
N ALA A 92 -28.68 -16.93 20.41
CA ALA A 92 -27.96 -16.56 21.60
C ALA A 92 -27.01 -15.42 21.26
N ASN A 93 -26.46 -14.78 22.29
CA ASN A 93 -25.53 -13.68 22.11
C ASN A 93 -24.10 -14.20 21.98
N LYS A 94 -23.71 -14.56 20.77
CA LYS A 94 -22.36 -15.06 20.52
C LYS A 94 -21.58 -14.13 19.60
N MET A 95 -20.31 -13.94 19.91
CA MET A 95 -19.42 -13.11 19.10
C MET A 95 -19.34 -13.63 17.68
N ARG A 96 -19.54 -14.93 17.52
CA ARG A 96 -19.44 -15.56 16.22
C ARG A 96 -20.65 -15.33 15.31
N ASN A 97 -21.82 -15.06 15.88
CA ASN A 97 -23.02 -14.86 15.08
C ASN A 97 -22.84 -14.01 13.83
N ARG A 98 -22.00 -12.98 13.92
CA ARG A 98 -21.78 -12.13 12.76
C ARG A 98 -20.91 -12.79 11.71
N LEU A 99 -20.46 -14.01 11.97
CA LEU A 99 -19.62 -14.72 11.02
C LEU A 99 -20.35 -15.81 10.24
N GLN A 100 -21.66 -15.92 10.43
CA GLN A 100 -22.44 -16.93 9.74
C GLN A 100 -22.55 -16.55 8.27
N VAL A 101 -22.96 -17.51 7.44
CA VAL A 101 -23.12 -17.26 6.02
C VAL A 101 -24.55 -16.80 5.78
N PHE A 102 -24.77 -15.49 5.84
CA PHE A 102 -26.11 -14.93 5.62
C PHE A 102 -26.54 -14.97 4.16
N PRO A 103 -27.66 -15.65 3.86
CA PRO A 103 -28.12 -15.72 2.47
C PRO A 103 -28.32 -14.34 1.81
N GLU A 104 -28.79 -13.35 2.56
CA GLU A 104 -29.00 -12.04 1.95
C GLU A 104 -27.73 -11.25 1.64
N VAL A 105 -26.57 -11.89 1.71
CA VAL A 105 -25.34 -11.19 1.35
C VAL A 105 -25.07 -11.56 -0.11
N GLU A 106 -25.32 -10.63 -1.02
CA GLU A 106 -25.11 -10.91 -2.44
C GLU A 106 -23.90 -10.15 -3.00
N THR A 107 -23.08 -9.61 -2.12
CA THR A 107 -21.90 -8.87 -2.57
C THR A 107 -20.62 -9.64 -2.27
N ASN A 108 -19.61 -9.44 -3.11
CA ASN A 108 -18.33 -10.11 -2.94
C ASN A 108 -17.59 -9.62 -1.70
N ALA A 109 -17.85 -8.38 -1.31
CA ALA A 109 -17.18 -7.80 -0.18
C ALA A 109 -18.14 -7.55 0.98
N VAL A 110 -17.59 -7.64 2.19
CA VAL A 110 -18.35 -7.40 3.40
C VAL A 110 -17.62 -6.37 4.21
N LEU A 111 -18.37 -5.44 4.79
CA LEU A 111 -17.80 -4.39 5.63
C LEU A 111 -18.28 -4.73 7.02
N MET A 112 -17.33 -5.05 7.89
CA MET A 112 -17.70 -5.38 9.26
C MET A 112 -17.24 -4.28 10.20
N VAL A 113 -18.18 -3.76 10.99
CA VAL A 113 -17.91 -2.69 11.93
C VAL A 113 -18.60 -2.96 13.25
N ASP A 114 -17.89 -2.73 14.34
CA ASP A 114 -18.46 -2.90 15.67
C ASP A 114 -19.50 -1.78 15.84
N ASP A 115 -20.52 -2.00 16.65
CA ASP A 115 -21.57 -1.00 16.83
C ASP A 115 -21.20 0.14 17.79
N ASP A 116 -19.96 0.61 17.68
CA ASP A 116 -19.51 1.69 18.53
C ASP A 116 -18.42 2.46 17.79
N THR A 117 -18.34 2.21 16.49
CA THR A 117 -17.35 2.86 15.65
C THR A 117 -17.96 3.57 14.47
N LEU A 118 -17.50 4.79 14.23
CA LEU A 118 -18.02 5.59 13.14
C LEU A 118 -16.87 5.92 12.19
N ILE A 119 -16.85 5.27 11.04
CA ILE A 119 -15.81 5.48 10.05
C ILE A 119 -16.36 6.41 8.96
N SER A 120 -15.73 7.57 8.80
CA SER A 120 -16.15 8.55 7.81
C SER A 120 -16.32 7.93 6.43
N ALA A 121 -17.31 8.41 5.69
CA ALA A 121 -17.57 7.91 4.34
C ALA A 121 -16.29 7.97 3.52
N GLN A 122 -15.52 9.04 3.70
CA GLN A 122 -14.28 9.18 2.94
C GLN A 122 -13.36 7.99 3.16
N ASP A 123 -13.29 7.48 4.39
CA ASP A 123 -12.44 6.32 4.69
C ASP A 123 -12.98 5.02 4.12
N LEU A 124 -14.30 4.90 4.07
CA LEU A 124 -14.90 3.69 3.55
C LEU A 124 -14.71 3.59 2.05
N VAL A 125 -15.00 4.66 1.33
CA VAL A 125 -14.86 4.65 -0.12
C VAL A 125 -13.46 4.30 -0.59
N PHE A 126 -12.46 4.89 0.04
CA PHE A 126 -11.06 4.66 -0.30
C PHE A 126 -10.63 3.26 0.08
N ALA A 127 -10.98 2.83 1.29
CA ALA A 127 -10.60 1.50 1.77
C ALA A 127 -11.25 0.44 0.90
N PHE A 128 -12.51 0.63 0.55
CA PHE A 128 -13.21 -0.33 -0.28
C PHE A 128 -12.54 -0.43 -1.63
N SER A 129 -12.03 0.69 -2.12
CA SER A 129 -11.36 0.70 -3.41
C SER A 129 -10.02 -0.02 -3.29
N ILE A 130 -9.50 -0.11 -2.08
CA ILE A 130 -8.24 -0.81 -1.86
C ILE A 130 -8.56 -2.30 -1.82
N TRP A 131 -9.65 -2.65 -1.14
CA TRP A 131 -10.07 -4.04 -1.04
C TRP A 131 -10.22 -4.70 -2.41
N GLN A 132 -10.70 -3.93 -3.37
CA GLN A 132 -10.90 -4.42 -4.72
C GLN A 132 -9.61 -4.78 -5.40
N GLN A 133 -8.50 -4.23 -4.91
CA GLN A 133 -7.19 -4.54 -5.48
C GLN A 133 -6.49 -5.65 -4.69
N PHE A 134 -7.11 -6.08 -3.60
CA PHE A 134 -6.57 -7.12 -2.73
C PHE A 134 -7.77 -7.80 -2.04
N PRO A 135 -8.71 -8.32 -2.83
CA PRO A 135 -9.93 -8.99 -2.35
C PRO A 135 -9.71 -10.14 -1.38
N ASP A 136 -8.57 -10.81 -1.51
CA ASP A 136 -8.24 -11.95 -0.67
C ASP A 136 -7.71 -11.54 0.69
N GLN A 137 -7.52 -10.25 0.90
CA GLN A 137 -7.00 -9.78 2.17
C GLN A 137 -8.00 -8.96 2.97
N ILE A 138 -7.74 -8.85 4.27
CA ILE A 138 -8.57 -8.09 5.18
C ILE A 138 -8.08 -6.63 5.16
N ILE A 139 -8.88 -5.73 4.60
CA ILE A 139 -8.50 -4.32 4.52
C ILE A 139 -9.20 -3.57 5.65
N GLY A 140 -8.45 -3.09 6.63
CA GLY A 140 -9.09 -2.41 7.75
C GLY A 140 -8.30 -1.27 8.35
N PHE A 141 -8.83 -0.68 9.42
CA PHE A 141 -8.22 0.48 10.08
C PHE A 141 -7.58 0.25 11.47
N VAL A 142 -7.76 -0.94 12.02
CA VAL A 142 -7.21 -1.25 13.34
C VAL A 142 -6.20 -2.37 13.23
N PRO A 143 -4.91 -2.03 13.23
CA PRO A 143 -3.82 -3.02 13.14
C PRO A 143 -3.34 -3.48 14.51
N ARG A 144 -2.90 -4.72 14.61
CA ARG A 144 -2.38 -5.30 15.86
C ARG A 144 -1.30 -6.33 15.52
N LYS A 145 -0.57 -6.77 16.53
CA LYS A 145 0.48 -7.74 16.29
C LYS A 145 0.57 -8.82 17.35
N HIS A 146 1.37 -9.84 17.06
CA HIS A 146 1.64 -10.91 17.99
C HIS A 146 3.17 -10.86 18.13
N VAL A 147 3.68 -11.13 19.33
CA VAL A 147 5.13 -11.13 19.54
C VAL A 147 5.50 -12.40 20.25
N SER A 148 6.79 -12.69 20.30
CA SER A 148 7.27 -13.88 20.96
C SER A 148 8.56 -13.57 21.68
N THR A 149 8.72 -14.12 22.88
CA THR A 149 9.94 -13.90 23.65
C THR A 149 10.46 -15.25 24.10
N SER A 150 9.54 -16.12 24.47
CA SER A 150 9.89 -17.46 24.91
C SER A 150 9.69 -18.31 23.68
N SER A 151 10.76 -18.94 23.20
CA SER A 151 10.66 -19.77 22.01
C SER A 151 9.34 -20.54 22.03
N GLY A 152 8.48 -20.22 21.07
CA GLY A 152 7.20 -20.90 20.98
C GLY A 152 6.02 -20.24 21.66
N ILE A 153 6.26 -19.33 22.61
CA ILE A 153 5.15 -18.67 23.31
C ILE A 153 4.87 -17.25 22.80
N TYR A 154 3.64 -17.07 22.31
CA TYR A 154 3.23 -15.79 21.75
C TYR A 154 2.40 -14.90 22.67
N SER A 155 2.53 -13.60 22.47
CA SER A 155 1.78 -12.65 23.26
C SER A 155 1.04 -11.68 22.32
N TYR A 156 -0.10 -11.17 22.78
CA TYR A 156 -0.92 -10.26 21.99
C TYR A 156 -0.71 -8.80 22.37
N GLY A 157 -0.64 -7.94 21.37
CA GLY A 157 -0.47 -6.52 21.66
C GLY A 157 -0.43 -5.61 20.45
N GLY A 158 -0.10 -4.35 20.72
CA GLY A 158 -0.01 -3.33 19.68
C GLY A 158 1.37 -2.70 19.62
N PHE A 159 1.41 -1.41 19.28
CA PHE A 159 2.66 -0.70 19.14
C PHE A 159 3.42 -0.41 20.44
N GLU A 160 2.86 -0.84 21.58
CA GLU A 160 3.51 -0.63 22.88
C GLU A 160 4.54 -1.72 23.09
N LEU A 161 4.46 -2.79 22.28
CA LEU A 161 5.39 -3.90 22.38
C LEU A 161 6.48 -3.72 21.33
N GLN A 162 7.70 -4.14 21.66
CA GLN A 162 8.84 -4.01 20.77
C GLN A 162 8.50 -4.63 19.43
N THR A 163 9.09 -4.08 18.37
CA THR A 163 8.84 -4.63 17.05
C THR A 163 9.48 -6.01 16.97
N PRO A 164 8.70 -7.01 16.51
CA PRO A 164 9.25 -8.36 16.40
C PRO A 164 10.09 -8.31 15.15
N GLY A 165 9.58 -7.53 14.20
CA GLY A 165 10.22 -7.35 12.91
C GLY A 165 11.71 -7.12 12.87
N PRO A 166 12.27 -7.22 11.66
CA PRO A 166 13.69 -7.05 11.29
C PRO A 166 14.40 -5.77 11.74
N GLY A 167 14.33 -4.73 10.91
CA GLY A 167 15.02 -3.49 11.21
C GLY A 167 14.28 -2.33 11.82
N ASN A 168 13.89 -1.37 10.98
CA ASN A 168 13.18 -0.17 11.40
C ASN A 168 11.69 -0.36 11.64
N GLY A 169 11.07 0.75 12.04
CA GLY A 169 9.64 0.79 12.29
C GLY A 169 9.05 -0.37 13.05
N ASP A 170 7.74 -0.54 12.90
CA ASP A 170 7.03 -1.58 13.59
C ASP A 170 6.41 -2.55 12.57
N GLN A 171 5.63 -3.51 13.06
CA GLN A 171 4.99 -4.48 12.19
C GLN A 171 3.64 -4.80 12.80
N TYR A 172 2.75 -5.34 11.99
CA TYR A 172 1.43 -5.77 12.46
C TYR A 172 1.19 -7.09 11.74
N SER A 173 0.49 -8.02 12.38
CA SER A 173 0.25 -9.31 11.75
C SER A 173 -1.23 -9.62 11.76
N MET A 174 -2.02 -8.61 12.09
CA MET A 174 -3.46 -8.74 12.14
C MET A 174 -4.13 -7.39 11.94
N VAL A 175 -5.36 -7.46 11.44
CA VAL A 175 -6.21 -6.31 11.24
C VAL A 175 -7.52 -6.79 11.83
N LEU A 176 -8.00 -6.12 12.87
CA LEU A 176 -9.23 -6.53 13.52
C LEU A 176 -10.43 -6.38 12.57
N ILE A 177 -11.21 -7.44 12.45
CA ILE A 177 -12.37 -7.46 11.54
C ILE A 177 -13.46 -6.46 11.89
N GLY A 178 -13.42 -5.88 13.09
CA GLY A 178 -14.45 -4.95 13.53
C GLY A 178 -14.43 -3.58 12.88
N ALA A 179 -13.55 -3.43 11.90
CA ALA A 179 -13.42 -2.18 11.17
C ALA A 179 -12.67 -2.58 9.92
N SER A 180 -13.34 -3.37 9.08
CA SER A 180 -12.67 -3.83 7.89
C SER A 180 -13.57 -4.28 6.76
N PHE A 181 -12.94 -4.47 5.62
CA PHE A 181 -13.57 -4.95 4.40
C PHE A 181 -12.89 -6.29 4.12
N PHE A 182 -13.67 -7.35 3.97
CA PHE A 182 -13.08 -8.62 3.61
C PHE A 182 -14.02 -9.42 2.71
N ASN A 183 -13.43 -10.31 1.92
CA ASN A 183 -14.16 -11.15 0.98
C ASN A 183 -15.18 -11.96 1.74
N SER A 184 -16.43 -11.90 1.28
CA SER A 184 -17.50 -12.61 1.97
C SER A 184 -17.40 -14.13 1.91
N LYS A 185 -16.51 -14.65 1.07
CA LYS A 185 -16.35 -16.09 1.00
C LYS A 185 -15.62 -16.63 2.23
N TYR A 186 -15.10 -15.72 3.05
CA TYR A 186 -14.41 -16.13 4.25
C TYR A 186 -15.39 -16.59 5.31
N LEU A 187 -16.58 -16.02 5.31
CA LEU A 187 -17.60 -16.42 6.27
C LEU A 187 -17.85 -17.91 6.06
N GLU A 188 -17.88 -18.32 4.80
CA GLU A 188 -18.09 -19.72 4.44
C GLU A 188 -16.85 -20.48 4.92
N LEU A 189 -15.69 -20.03 4.49
CA LEU A 189 -14.46 -20.69 4.87
C LEU A 189 -14.34 -20.79 6.37
N PHE A 190 -14.83 -19.78 7.09
CA PHE A 190 -14.76 -19.82 8.54
C PHE A 190 -15.57 -20.99 9.09
N GLN A 191 -16.79 -21.15 8.57
CA GLN A 191 -17.66 -22.22 9.02
C GLN A 191 -17.03 -23.60 8.82
N LYS A 192 -16.20 -23.72 7.78
CA LYS A 192 -15.56 -24.98 7.48
C LYS A 192 -14.32 -25.24 8.34
N GLN A 193 -14.01 -24.31 9.24
CA GLN A 193 -12.84 -24.45 10.08
C GLN A 193 -13.04 -25.51 11.16
N PRO A 194 -11.93 -26.04 11.71
CA PRO A 194 -11.90 -27.07 12.76
C PRO A 194 -12.82 -26.75 13.91
N ALA A 195 -13.46 -27.79 14.43
CA ALA A 195 -14.39 -27.64 15.54
C ALA A 195 -13.72 -26.94 16.74
N ALA A 196 -12.49 -27.34 17.06
CA ALA A 196 -11.79 -26.73 18.19
C ALA A 196 -11.80 -25.22 18.11
N VAL A 197 -11.67 -24.68 16.90
CA VAL A 197 -11.70 -23.24 16.72
C VAL A 197 -13.06 -22.64 17.10
N HIS A 198 -14.14 -23.22 16.60
CA HIS A 198 -15.47 -22.72 16.96
C HIS A 198 -15.63 -22.79 18.46
N ALA A 199 -15.20 -23.91 19.04
CA ALA A 199 -15.28 -24.10 20.48
C ALA A 199 -14.52 -22.96 21.16
N LEU A 200 -13.26 -22.75 20.76
CA LEU A 200 -12.45 -21.71 21.35
C LEU A 200 -13.16 -20.35 21.36
N ILE A 201 -13.79 -19.98 20.25
CA ILE A 201 -14.49 -18.69 20.17
C ILE A 201 -15.65 -18.61 21.15
N ASP A 202 -16.44 -19.68 21.25
CA ASP A 202 -17.58 -19.70 22.17
C ASP A 202 -17.12 -19.69 23.61
N GLU A 203 -16.10 -20.48 23.89
CA GLU A 203 -15.53 -20.60 25.22
C GLU A 203 -15.06 -19.26 25.79
N THR A 204 -14.64 -18.36 24.91
CA THR A 204 -14.14 -17.06 25.35
C THR A 204 -14.96 -15.86 24.91
N GLN A 205 -15.78 -16.05 23.88
CA GLN A 205 -16.58 -14.94 23.36
C GLN A 205 -15.61 -13.82 23.04
N ASN A 206 -14.41 -14.23 22.66
CA ASN A 206 -13.35 -13.29 22.32
C ASN A 206 -12.60 -13.91 21.15
N CYS A 207 -11.56 -13.23 20.71
CA CYS A 207 -10.73 -13.64 19.60
C CYS A 207 -11.35 -14.28 18.36
N ASP A 208 -12.50 -13.78 17.94
CA ASP A 208 -13.13 -14.29 16.74
C ASP A 208 -12.38 -13.65 15.57
N ASP A 209 -11.88 -12.44 15.79
CA ASP A 209 -11.14 -11.75 14.75
C ASP A 209 -9.75 -12.34 14.62
N ILE A 210 -9.21 -12.88 15.71
CA ILE A 210 -7.90 -13.49 15.64
C ILE A 210 -8.00 -14.75 14.76
N ALA A 211 -9.08 -15.51 14.94
CA ALA A 211 -9.31 -16.71 14.16
C ALA A 211 -9.35 -16.32 12.67
N MET A 212 -10.24 -15.40 12.32
CA MET A 212 -10.37 -14.94 10.95
C MET A 212 -9.03 -14.59 10.33
N ASN A 213 -8.17 -13.91 11.08
CA ASN A 213 -6.86 -13.56 10.57
C ASN A 213 -6.03 -14.82 10.29
N PHE A 214 -6.11 -15.81 11.17
CA PHE A 214 -5.39 -17.08 10.99
C PHE A 214 -5.88 -17.69 9.68
N LEU A 215 -7.19 -17.88 9.64
CA LEU A 215 -7.87 -18.46 8.50
C LEU A 215 -7.48 -17.81 7.18
N VAL A 216 -7.49 -16.49 7.13
CA VAL A 216 -7.16 -15.78 5.90
C VAL A 216 -5.72 -16.00 5.45
N THR A 217 -4.77 -15.71 6.33
CA THR A 217 -3.38 -15.87 5.97
C THR A 217 -3.02 -17.30 5.56
N ARG A 218 -3.64 -18.30 6.18
CA ARG A 218 -3.34 -19.67 5.80
C ARG A 218 -3.83 -19.91 4.37
N HIS A 219 -4.92 -19.25 4.01
CA HIS A 219 -5.53 -19.39 2.70
C HIS A 219 -4.78 -18.69 1.57
N THR A 220 -4.18 -17.55 1.87
CA THR A 220 -3.47 -16.79 0.86
C THR A 220 -1.95 -16.90 0.93
N GLY A 221 -1.43 -17.13 2.13
CA GLY A 221 0.00 -17.21 2.31
C GLY A 221 0.59 -15.80 2.36
N LYS A 222 -0.29 -14.80 2.42
CA LYS A 222 0.14 -13.40 2.48
C LYS A 222 -0.27 -12.84 3.84
N PRO A 223 0.12 -11.59 4.14
CA PRO A 223 -0.29 -11.04 5.44
C PRO A 223 -1.82 -11.10 5.41
N SER A 224 -2.43 -11.41 6.56
CA SER A 224 -3.87 -11.51 6.60
C SER A 224 -4.53 -10.19 6.21
N GLY A 225 -3.85 -9.08 6.48
CA GLY A 225 -4.45 -7.82 6.11
C GLY A 225 -3.49 -6.72 5.68
N ILE A 226 -4.08 -5.63 5.24
CA ILE A 226 -3.31 -4.47 4.84
C ILE A 226 -3.92 -3.35 5.68
N PHE A 227 -3.07 -2.53 6.27
CA PHE A 227 -3.52 -1.44 7.10
C PHE A 227 -3.76 -0.13 6.35
N VAL A 228 -4.98 0.38 6.43
CA VAL A 228 -5.32 1.65 5.81
C VAL A 228 -5.52 2.65 6.92
N LYS A 229 -4.65 3.65 6.99
CA LYS A 229 -4.75 4.65 8.05
C LYS A 229 -6.03 5.48 7.86
N PRO A 230 -6.90 5.48 8.88
CA PRO A 230 -8.16 6.23 8.82
C PRO A 230 -7.92 7.73 8.98
N ILE A 231 -8.54 8.52 8.11
CA ILE A 231 -8.39 9.96 8.21
C ILE A 231 -9.40 10.49 9.21
N ASN A 232 -10.50 9.75 9.37
CA ASN A 232 -11.54 10.18 10.30
C ASN A 232 -12.41 9.03 10.82
N MET A 233 -11.93 8.38 11.87
CA MET A 233 -12.65 7.27 12.49
C MET A 233 -12.74 7.58 13.97
N VAL A 234 -13.96 7.52 14.50
CA VAL A 234 -14.20 7.83 15.90
C VAL A 234 -14.87 6.69 16.66
N ASN A 235 -14.45 6.50 17.91
CA ASN A 235 -15.03 5.45 18.73
C ASN A 235 -16.03 6.09 19.69
N LEU A 236 -17.29 5.65 19.65
CA LEU A 236 -18.32 6.23 20.50
C LEU A 236 -18.62 5.49 21.81
N GLU A 237 -17.73 4.58 22.20
CA GLU A 237 -17.87 3.79 23.43
C GLU A 237 -18.55 4.47 24.62
N LYS A 238 -18.02 5.61 25.04
CA LYS A 238 -18.57 6.30 26.18
C LYS A 238 -19.96 6.90 25.93
N GLU A 239 -20.24 7.29 24.69
CA GLU A 239 -21.53 7.88 24.35
C GLU A 239 -22.66 6.85 24.26
N THR A 240 -22.85 6.04 25.29
CA THR A 240 -23.92 5.05 25.25
C THR A 240 -24.47 4.64 26.61
N ASN A 241 -25.75 4.28 26.62
CA ASN A 241 -26.39 3.79 27.82
C ASN A 241 -26.09 2.30 27.69
N GLY A 242 -25.76 1.63 28.79
CA GLY A 242 -25.46 0.21 28.67
C GLY A 242 -24.05 -0.14 29.06
N TYR A 243 -23.53 -1.25 28.53
CA TYR A 243 -22.18 -1.69 28.89
C TYR A 243 -21.03 -0.86 28.34
N SER A 244 -20.02 -0.72 29.19
CA SER A 244 -18.80 0.04 28.94
C SER A 244 -17.97 -0.43 27.75
N GLY A 245 -18.12 -1.70 27.38
CA GLY A 245 -17.34 -2.23 26.27
C GLY A 245 -16.49 -3.41 26.69
N MET A 246 -16.36 -4.37 25.80
CA MET A 246 -15.62 -5.59 26.04
C MET A 246 -14.13 -5.48 26.44
N TRP A 247 -13.35 -4.64 25.74
CA TRP A 247 -11.92 -4.53 26.03
C TRP A 247 -11.52 -3.93 27.37
N HIS A 248 -12.50 -3.52 28.16
CA HIS A 248 -12.24 -2.95 29.48
C HIS A 248 -12.21 -4.02 30.56
N ARG A 249 -12.68 -5.22 30.21
CA ARG A 249 -12.69 -6.33 31.15
C ARG A 249 -11.24 -6.62 31.52
N ALA A 250 -11.02 -6.98 32.79
CA ALA A 250 -9.69 -7.26 33.30
C ALA A 250 -8.91 -8.27 32.49
N GLU A 251 -9.52 -9.42 32.23
CA GLU A 251 -8.87 -10.49 31.48
C GLU A 251 -8.99 -10.42 29.96
N HIS A 252 -9.32 -9.25 29.42
CA HIS A 252 -9.45 -9.09 27.98
C HIS A 252 -8.17 -9.41 27.24
N PHE A 253 -7.18 -8.54 27.38
CA PHE A 253 -5.91 -8.70 26.70
C PHE A 253 -5.23 -10.02 27.01
N LEU A 254 -5.19 -10.36 28.29
CA LEU A 254 -4.61 -11.60 28.77
C LEU A 254 -5.29 -12.76 28.04
N GLN A 255 -6.59 -12.60 27.84
CA GLN A 255 -7.41 -13.61 27.16
C GLN A 255 -7.04 -13.70 25.69
N ARG A 256 -6.57 -12.60 25.12
CA ARG A 256 -6.19 -12.60 23.72
C ARG A 256 -4.86 -13.28 23.49
N SER A 257 -3.90 -13.06 24.39
CA SER A 257 -2.62 -13.72 24.22
C SER A 257 -2.89 -15.22 24.28
N TYR A 258 -3.80 -15.60 25.16
CA TYR A 258 -4.22 -16.99 25.34
C TYR A 258 -4.68 -17.59 24.02
N CYS A 259 -5.60 -16.91 23.35
CA CYS A 259 -6.14 -17.37 22.08
C CYS A 259 -5.09 -17.62 21.01
N ILE A 260 -4.18 -16.68 20.82
CA ILE A 260 -3.13 -16.85 19.82
C ILE A 260 -2.42 -18.18 20.06
N ASN A 261 -2.06 -18.44 21.32
CA ASN A 261 -1.37 -19.68 21.65
C ASN A 261 -2.27 -20.92 21.44
N LYS A 262 -3.54 -20.80 21.77
CA LYS A 262 -4.47 -21.91 21.59
C LYS A 262 -4.60 -22.27 20.11
N LEU A 263 -4.66 -21.25 19.26
CA LEU A 263 -4.80 -21.47 17.83
C LEU A 263 -3.52 -22.09 17.26
N VAL A 264 -2.37 -21.69 17.77
CA VAL A 264 -1.12 -22.27 17.30
C VAL A 264 -1.16 -23.78 17.57
N ASN A 265 -1.80 -24.15 18.67
CA ASN A 265 -1.93 -25.55 19.07
C ASN A 265 -2.92 -26.30 18.18
N ILE A 266 -4.08 -25.69 17.96
CA ILE A 266 -5.12 -26.29 17.13
C ILE A 266 -4.66 -26.47 15.70
N TYR A 267 -4.07 -25.42 15.11
CA TYR A 267 -3.55 -25.47 13.74
C TYR A 267 -2.14 -26.03 13.70
N ASP A 268 -1.56 -26.24 14.88
CA ASP A 268 -0.21 -26.78 14.97
C ASP A 268 0.76 -25.91 14.16
N GLY A 269 0.79 -24.61 14.46
CA GLY A 269 1.69 -23.70 13.76
C GLY A 269 1.26 -22.23 13.77
N MET A 270 2.22 -21.32 13.81
CA MET A 270 1.94 -19.88 13.81
C MET A 270 1.96 -19.42 12.35
N PRO A 271 0.77 -19.18 11.76
CA PRO A 271 0.65 -18.77 10.37
C PRO A 271 0.77 -17.28 10.09
N LEU A 272 0.40 -16.45 11.05
CA LEU A 272 0.45 -15.00 10.87
C LEU A 272 1.77 -14.53 10.31
N LYS A 273 1.71 -13.59 9.39
CA LYS A 273 2.91 -13.06 8.76
C LYS A 273 2.91 -11.55 8.97
N TYR A 274 4.09 -11.01 9.28
CA TYR A 274 4.26 -9.58 9.53
C TYR A 274 4.25 -8.72 8.28
N SER A 275 3.85 -7.48 8.47
CA SER A 275 3.79 -6.49 7.39
C SER A 275 3.91 -5.13 8.01
N ASN A 276 4.53 -4.21 7.29
CA ASN A 276 4.69 -2.84 7.78
C ASN A 276 4.16 -1.87 6.75
N ILE A 277 3.29 -2.35 5.87
CA ILE A 277 2.71 -1.49 4.86
C ILE A 277 1.56 -0.66 5.43
N MET A 278 1.67 0.65 5.33
CA MET A 278 0.60 1.52 5.80
C MET A 278 0.17 2.36 4.61
N ILE A 279 -1.08 2.17 4.17
CA ILE A 279 -1.61 2.91 3.03
C ILE A 279 -2.45 4.10 3.43
N SER A 280 -2.13 5.25 2.86
CA SER A 280 -2.87 6.48 3.07
C SER A 280 -3.39 6.91 1.70
N GLN A 281 -4.37 7.81 1.66
CA GLN A 281 -4.88 8.22 0.37
C GLN A 281 -4.03 9.35 -0.20
N PHE A 282 -3.42 9.09 -1.34
CA PHE A 282 -2.58 10.08 -2.01
C PHE A 282 -3.34 11.38 -2.25
N GLY A 283 -2.89 12.46 -1.61
CA GLY A 283 -3.53 13.75 -1.79
C GLY A 283 -4.78 14.00 -0.96
N PHE A 284 -4.97 13.20 0.08
CA PHE A 284 -6.14 13.39 0.92
C PHE A 284 -5.79 13.12 2.38
N PRO A 285 -5.60 14.18 3.17
CA PRO A 285 -5.72 15.60 2.81
C PRO A 285 -4.77 16.04 1.70
N TYR A 286 -5.04 17.25 1.21
CA TYR A 286 -4.24 17.87 0.16
C TYR A 286 -2.73 17.94 0.46
N ALA A 287 -1.92 17.59 -0.54
CA ALA A 287 -0.46 17.63 -0.44
C ALA A 287 0.16 16.87 0.73
N ASN A 288 -0.41 15.72 1.06
CA ASN A 288 0.09 14.92 2.17
C ASN A 288 1.20 14.02 1.68
N HIS A 289 1.51 14.11 0.38
CA HIS A 289 2.57 13.31 -0.18
C HIS A 289 3.93 13.94 0.09
N LYS A 290 3.93 15.26 0.27
CA LYS A 290 5.18 15.96 0.54
C LYS A 290 5.32 16.25 2.03
N ALA B 26 19.96 -14.14 -5.34
CA ALA B 26 20.20 -12.99 -4.42
C ALA B 26 19.19 -11.88 -4.69
N LEU B 27 17.91 -12.26 -4.81
CA LEU B 27 16.86 -11.27 -5.04
C LEU B 27 16.73 -10.50 -3.73
N ASP B 28 17.69 -10.75 -2.83
CA ASP B 28 17.72 -10.08 -1.54
C ASP B 28 18.69 -8.92 -1.62
N SER B 29 18.96 -8.48 -2.86
CA SER B 29 19.84 -7.35 -3.11
C SER B 29 19.43 -6.65 -4.41
N PHE B 30 20.04 -5.50 -4.67
CA PHE B 30 19.73 -4.72 -5.87
C PHE B 30 20.97 -4.03 -6.42
N THR B 31 20.85 -3.55 -7.66
CA THR B 31 21.95 -2.87 -8.33
C THR B 31 21.58 -1.41 -8.57
N LEU B 32 22.49 -0.51 -8.20
CA LEU B 32 22.24 0.91 -8.41
C LEU B 32 22.75 1.33 -9.79
N ILE B 33 21.90 2.00 -10.56
CA ILE B 33 22.31 2.47 -11.86
C ILE B 33 22.24 3.99 -11.81
N MET B 34 23.41 4.62 -11.75
CA MET B 34 23.46 6.07 -11.68
C MET B 34 24.17 6.68 -12.87
N GLN B 35 23.44 7.53 -13.57
CA GLN B 35 23.96 8.21 -14.73
C GLN B 35 24.41 9.59 -14.27
N THR B 36 25.61 9.98 -14.63
CA THR B 36 26.14 11.28 -14.24
C THR B 36 26.55 12.11 -15.45
N TYR B 37 26.43 13.43 -15.30
CA TYR B 37 26.81 14.37 -16.37
C TYR B 37 27.18 15.72 -15.77
N ASN B 38 28.42 16.14 -15.98
CA ASN B 38 28.92 17.41 -15.47
C ASN B 38 28.50 17.63 -14.02
N ARG B 39 28.58 16.58 -13.22
CA ARG B 39 28.22 16.62 -11.79
C ARG B 39 29.13 15.66 -11.02
N THR B 40 30.37 15.53 -11.45
CA THR B 40 31.29 14.61 -10.78
C THR B 40 31.47 14.87 -9.30
N ASP B 41 31.55 16.15 -8.92
CA ASP B 41 31.71 16.49 -7.51
C ASP B 41 30.53 15.90 -6.71
N LEU B 42 29.34 16.15 -7.23
CA LEU B 42 28.10 15.67 -6.63
C LEU B 42 28.01 14.13 -6.66
N LEU B 43 28.52 13.54 -7.74
CA LEU B 43 28.52 12.09 -7.89
C LEU B 43 29.41 11.42 -6.84
N LEU B 44 30.62 11.94 -6.70
CA LEU B 44 31.57 11.38 -5.74
C LEU B 44 31.03 11.46 -4.33
N ARG B 45 30.19 12.45 -4.08
CA ARG B 45 29.58 12.62 -2.76
C ARG B 45 28.50 11.58 -2.52
N LEU B 46 27.56 11.50 -3.46
CA LEU B 46 26.47 10.55 -3.35
C LEU B 46 27.01 9.14 -3.25
N LEU B 47 28.05 8.85 -4.03
CA LEU B 47 28.64 7.53 -4.04
C LEU B 47 29.05 7.05 -2.64
N ASN B 48 29.54 7.97 -1.81
CA ASN B 48 29.95 7.59 -0.47
C ASN B 48 28.76 7.13 0.35
N HIS B 49 27.59 7.67 0.04
CA HIS B 49 26.35 7.34 0.73
C HIS B 49 25.81 6.00 0.27
N TYR B 50 25.53 5.90 -1.03
CA TYR B 50 24.97 4.68 -1.60
C TYR B 50 25.80 3.42 -1.45
N GLN B 51 27.12 3.54 -1.42
CA GLN B 51 27.95 2.36 -1.30
C GLN B 51 27.65 1.63 0.01
N ALA B 52 27.16 2.37 1.01
CA ALA B 52 26.89 1.78 2.31
C ALA B 52 25.46 1.35 2.54
N VAL B 53 24.60 1.47 1.54
CA VAL B 53 23.21 1.07 1.73
C VAL B 53 23.06 -0.44 1.81
N PRO B 54 22.28 -0.93 2.80
CA PRO B 54 22.07 -2.37 2.96
C PRO B 54 21.43 -2.97 1.71
N SER B 55 21.79 -4.21 1.38
CA SER B 55 21.24 -4.91 0.23
C SER B 55 21.70 -4.36 -1.12
N LEU B 56 22.78 -3.58 -1.12
CA LEU B 56 23.33 -3.04 -2.36
C LEU B 56 24.32 -4.08 -2.86
N HIS B 57 24.07 -4.59 -4.06
CA HIS B 57 24.93 -5.61 -4.62
C HIS B 57 26.04 -5.02 -5.49
N LYS B 58 25.68 -4.08 -6.35
CA LYS B 58 26.64 -3.48 -7.24
C LYS B 58 26.18 -2.10 -7.71
N VAL B 59 27.13 -1.27 -8.11
CA VAL B 59 26.83 0.06 -8.60
C VAL B 59 27.37 0.21 -10.02
N ILE B 60 26.53 0.70 -10.92
CA ILE B 60 26.95 0.90 -12.31
C ILE B 60 26.82 2.37 -12.69
N VAL B 61 27.95 3.07 -12.72
CA VAL B 61 27.94 4.48 -13.05
C VAL B 61 27.97 4.71 -14.55
N VAL B 62 26.83 5.14 -15.11
CA VAL B 62 26.78 5.41 -16.54
C VAL B 62 27.44 6.76 -16.77
N TRP B 63 28.72 6.73 -17.10
CA TRP B 63 29.52 7.93 -17.32
C TRP B 63 29.19 8.57 -18.67
N ASN B 64 28.41 9.66 -18.62
CA ASN B 64 27.98 10.37 -19.83
C ASN B 64 28.83 11.56 -20.22
N ASN B 65 30.05 11.61 -19.70
CA ASN B 65 30.94 12.71 -20.04
C ASN B 65 31.86 12.24 -21.15
N VAL B 66 31.39 12.42 -22.38
CA VAL B 66 32.13 12.02 -23.57
C VAL B 66 33.43 12.81 -23.67
N GLY B 67 34.56 12.14 -23.45
CA GLY B 67 35.83 12.83 -23.53
C GLY B 67 36.63 12.97 -22.25
N GLU B 68 35.94 13.08 -21.11
CA GLU B 68 36.63 13.22 -19.81
C GLU B 68 36.98 11.84 -19.23
N LYS B 69 38.04 11.78 -18.43
CA LYS B 69 38.46 10.52 -17.82
C LYS B 69 37.67 10.20 -16.56
N GLY B 70 37.22 8.96 -16.47
CA GLY B 70 36.45 8.51 -15.31
C GLY B 70 37.19 8.55 -13.99
N PRO B 71 36.45 8.70 -12.87
CA PRO B 71 36.99 8.78 -11.50
C PRO B 71 37.53 7.46 -10.97
N GLU B 72 37.39 6.40 -11.76
CA GLU B 72 37.84 5.07 -11.36
C GLU B 72 39.17 5.07 -10.57
N GLU B 73 40.19 5.73 -11.12
CA GLU B 73 41.47 5.77 -10.44
C GLU B 73 41.33 6.35 -9.03
N LEU B 74 40.81 7.57 -8.95
CA LEU B 74 40.59 8.22 -7.65
C LEU B 74 39.75 7.32 -6.75
N TRP B 75 38.68 6.78 -7.31
CA TRP B 75 37.79 5.89 -6.58
C TRP B 75 38.55 4.76 -5.87
N ASN B 76 39.40 4.07 -6.63
CA ASN B 76 40.17 2.96 -6.06
C ASN B 76 41.28 3.43 -5.14
N SER B 77 41.79 4.64 -5.38
CA SER B 77 42.84 5.16 -4.53
C SER B 77 42.25 5.37 -3.15
N LEU B 78 40.92 5.51 -3.09
CA LEU B 78 40.22 5.73 -1.84
C LEU B 78 39.45 4.53 -1.35
N GLY B 79 39.68 3.37 -1.97
CA GLY B 79 39.01 2.16 -1.53
C GLY B 79 39.65 1.71 -0.23
N PRO B 80 39.32 0.52 0.29
CA PRO B 80 38.36 -0.46 -0.24
C PRO B 80 36.91 -0.05 -0.03
N HIS B 81 36.03 -0.45 -0.96
CA HIS B 81 34.60 -0.14 -0.88
C HIS B 81 33.81 -1.40 -0.61
N PRO B 82 32.61 -1.26 -0.02
CA PRO B 82 31.71 -2.38 0.31
C PRO B 82 31.23 -3.22 -0.87
N ILE B 83 31.13 -2.60 -2.05
CA ILE B 83 30.66 -3.30 -3.23
C ILE B 83 31.44 -2.91 -4.48
N PRO B 84 31.27 -3.69 -5.57
CA PRO B 84 31.96 -3.40 -6.82
C PRO B 84 31.28 -2.23 -7.53
N VAL B 85 32.05 -1.20 -7.85
CA VAL B 85 31.50 -0.06 -8.57
C VAL B 85 32.12 -0.09 -9.95
N ILE B 86 31.28 -0.11 -10.97
CA ILE B 86 31.74 -0.17 -12.35
C ILE B 86 31.40 1.11 -13.11
N PHE B 87 32.43 1.80 -13.60
CA PHE B 87 32.21 3.02 -14.37
C PHE B 87 32.21 2.64 -15.85
N LYS B 88 31.08 2.83 -16.51
CA LYS B 88 30.95 2.50 -17.92
C LYS B 88 30.92 3.70 -18.83
N PRO B 89 32.08 4.09 -19.39
CA PRO B 89 32.18 5.25 -20.29
C PRO B 89 31.18 5.10 -21.43
N GLN B 90 30.55 6.19 -21.81
CA GLN B 90 29.55 6.14 -22.89
C GLN B 90 30.01 6.86 -24.16
N THR B 91 29.62 6.29 -25.30
CA THR B 91 29.98 6.84 -26.59
C THR B 91 29.43 8.25 -26.74
N ALA B 92 28.15 8.41 -26.43
CA ALA B 92 27.50 9.71 -26.54
C ALA B 92 26.77 10.07 -25.24
N ASN B 93 26.39 11.34 -25.12
CA ASN B 93 25.67 11.81 -23.95
C ASN B 93 24.17 11.74 -24.23
N LYS B 94 23.58 10.57 -23.96
CA LYS B 94 22.17 10.34 -24.17
C LYS B 94 21.45 9.87 -22.92
N MET B 95 20.33 10.50 -22.62
CA MET B 95 19.53 10.15 -21.45
C MET B 95 19.28 8.65 -21.35
N ARG B 96 18.90 8.02 -22.45
CA ARG B 96 18.62 6.58 -22.46
C ARG B 96 19.81 5.66 -22.22
N ASN B 97 21.02 6.19 -22.10
CA ASN B 97 22.19 5.34 -21.86
C ASN B 97 22.00 4.45 -20.65
N ARG B 98 21.33 4.97 -19.64
CA ARG B 98 21.11 4.22 -18.42
C ARG B 98 20.03 3.14 -18.53
N LEU B 99 19.41 3.03 -19.71
CA LEU B 99 18.38 2.03 -19.90
C LEU B 99 18.87 0.87 -20.76
N GLN B 100 20.18 0.77 -20.91
CA GLN B 100 20.78 -0.32 -21.69
C GLN B 100 20.84 -1.56 -20.81
N VAL B 101 20.92 -2.71 -21.45
CA VAL B 101 21.04 -3.94 -20.71
C VAL B 101 22.51 -4.11 -20.39
N PHE B 102 22.90 -3.83 -19.15
CA PHE B 102 24.30 -4.00 -18.77
C PHE B 102 24.58 -5.42 -18.33
N PRO B 103 25.56 -6.06 -18.97
CA PRO B 103 25.88 -7.44 -18.59
C PRO B 103 26.21 -7.61 -17.11
N GLU B 104 26.78 -6.57 -16.48
CA GLU B 104 27.15 -6.67 -15.07
C GLU B 104 26.02 -6.57 -14.05
N VAL B 105 24.78 -6.46 -14.52
CA VAL B 105 23.63 -6.37 -13.61
C VAL B 105 23.13 -7.79 -13.33
N GLU B 106 23.34 -8.27 -12.10
CA GLU B 106 22.93 -9.63 -11.74
C GLU B 106 21.75 -9.73 -10.79
N THR B 107 21.13 -8.61 -10.46
CA THR B 107 19.98 -8.63 -9.56
C THR B 107 18.69 -8.48 -10.33
N ASN B 108 17.59 -8.92 -9.72
CA ASN B 108 16.28 -8.80 -10.37
C ASN B 108 15.78 -7.37 -10.23
N ALA B 109 16.33 -6.67 -9.25
CA ALA B 109 15.92 -5.30 -9.01
C ALA B 109 17.01 -4.32 -9.38
N VAL B 110 16.59 -3.17 -9.88
CA VAL B 110 17.51 -2.11 -10.24
C VAL B 110 17.06 -0.87 -9.48
N LEU B 111 18.01 -0.20 -8.85
CA LEU B 111 17.72 1.02 -8.13
C LEU B 111 18.30 2.10 -9.04
N MET B 112 17.44 2.98 -9.55
CA MET B 112 17.90 4.02 -10.44
C MET B 112 17.73 5.40 -9.80
N VAL B 113 18.84 6.09 -9.62
CA VAL B 113 18.83 7.39 -8.99
C VAL B 113 19.58 8.46 -9.77
N ASP B 114 18.99 9.64 -9.90
CA ASP B 114 19.67 10.72 -10.59
C ASP B 114 20.89 11.04 -9.73
N ASP B 115 21.91 11.65 -10.33
CA ASP B 115 23.14 11.99 -9.62
C ASP B 115 23.09 13.34 -8.91
N ASP B 116 21.94 13.65 -8.34
CA ASP B 116 21.75 14.90 -7.62
C ASP B 116 20.74 14.66 -6.50
N THR B 117 20.34 13.40 -6.35
CA THR B 117 19.35 13.02 -5.35
C THR B 117 19.90 12.08 -4.29
N LEU B 118 19.69 12.45 -3.03
CA LEU B 118 20.16 11.66 -1.90
C LEU B 118 18.95 11.03 -1.21
N ILE B 119 18.80 9.73 -1.37
CA ILE B 119 17.69 8.99 -0.77
C ILE B 119 18.23 8.23 0.43
N SER B 120 17.71 8.52 1.63
CA SER B 120 18.19 7.84 2.83
C SER B 120 18.12 6.32 2.74
N ALA B 121 19.06 5.67 3.42
CA ALA B 121 19.11 4.22 3.45
C ALA B 121 17.79 3.70 3.99
N GLN B 122 17.25 4.40 4.98
CA GLN B 122 15.98 4.02 5.59
C GLN B 122 14.91 3.90 4.52
N ASP B 123 14.88 4.85 3.59
CA ASP B 123 13.89 4.83 2.52
C ASP B 123 14.17 3.72 1.53
N LEU B 124 15.44 3.56 1.16
CA LEU B 124 15.80 2.52 0.21
C LEU B 124 15.40 1.14 0.76
N VAL B 125 15.88 0.81 1.96
CA VAL B 125 15.58 -0.47 2.57
C VAL B 125 14.08 -0.79 2.58
N PHE B 126 13.27 0.22 2.88
CA PHE B 126 11.83 0.03 2.92
C PHE B 126 11.27 -0.16 1.51
N ALA B 127 11.54 0.82 0.65
CA ALA B 127 11.05 0.79 -0.73
C ALA B 127 11.45 -0.53 -1.41
N PHE B 128 12.68 -0.98 -1.19
CA PHE B 128 13.12 -2.22 -1.78
C PHE B 128 12.22 -3.37 -1.32
N SER B 129 11.95 -3.42 -0.02
CA SER B 129 11.09 -4.45 0.52
C SER B 129 9.69 -4.38 -0.08
N ILE B 130 9.30 -3.20 -0.59
CA ILE B 130 7.98 -3.06 -1.19
C ILE B 130 8.04 -3.62 -2.61
N TRP B 131 9.12 -3.30 -3.32
CA TRP B 131 9.33 -3.77 -4.68
C TRP B 131 9.31 -5.30 -4.74
N GLN B 132 9.88 -5.94 -3.71
CA GLN B 132 9.92 -7.38 -3.66
C GLN B 132 8.51 -7.97 -3.61
N GLN B 133 7.56 -7.16 -3.14
CA GLN B 133 6.18 -7.62 -3.06
C GLN B 133 5.40 -7.23 -4.30
N PHE B 134 6.04 -6.48 -5.19
CA PHE B 134 5.43 -5.99 -6.44
C PHE B 134 6.58 -5.76 -7.44
N PRO B 135 7.32 -6.82 -7.80
CA PRO B 135 8.46 -6.73 -8.72
C PRO B 135 8.16 -6.23 -10.14
N ASP B 136 6.90 -6.33 -10.55
CA ASP B 136 6.50 -5.91 -11.89
C ASP B 136 6.12 -4.44 -11.96
N GLN B 137 6.25 -3.74 -10.83
CA GLN B 137 5.89 -2.34 -10.81
C GLN B 137 7.05 -1.45 -10.41
N ILE B 138 6.93 -0.17 -10.76
CA ILE B 138 7.97 0.78 -10.44
C ILE B 138 7.68 1.34 -9.05
N ILE B 139 8.56 1.07 -8.10
CA ILE B 139 8.36 1.54 -6.74
C ILE B 139 9.26 2.75 -6.54
N GLY B 140 8.68 3.94 -6.43
CA GLY B 140 9.51 5.14 -6.29
C GLY B 140 8.96 6.31 -5.49
N PHE B 141 9.87 7.24 -5.17
CA PHE B 141 9.56 8.40 -4.34
C PHE B 141 9.07 9.69 -5.03
N VAL B 142 8.98 9.70 -6.35
CA VAL B 142 8.50 10.90 -7.05
C VAL B 142 7.35 10.57 -7.99
N PRO B 143 6.11 10.86 -7.58
CA PRO B 143 4.96 10.57 -8.44
C PRO B 143 4.52 11.77 -9.25
N ARG B 144 4.01 11.50 -10.45
CA ARG B 144 3.53 12.56 -11.34
C ARG B 144 2.32 12.00 -12.08
N LYS B 145 1.69 12.82 -12.91
CA LYS B 145 0.53 12.34 -13.66
C LYS B 145 0.29 13.08 -14.99
N HIS B 146 -0.69 12.56 -15.72
CA HIS B 146 -1.10 13.17 -16.97
C HIS B 146 -2.54 13.60 -16.73
N VAL B 147 -3.02 14.56 -17.51
CA VAL B 147 -4.40 15.01 -17.39
C VAL B 147 -4.89 15.28 -18.78
N SER B 148 -6.20 15.41 -18.93
CA SER B 148 -6.78 15.69 -20.24
C SER B 148 -7.97 16.62 -20.08
N THR B 149 -7.95 17.73 -20.82
CA THR B 149 -9.03 18.70 -20.75
C THR B 149 -9.83 18.65 -22.04
N SER B 150 -9.12 18.50 -23.15
CA SER B 150 -9.77 18.40 -24.45
C SER B 150 -9.54 16.96 -24.85
N SER B 151 -10.65 16.21 -24.96
CA SER B 151 -10.61 14.79 -25.32
C SER B 151 -9.45 14.46 -26.25
N GLY B 152 -8.61 13.51 -25.82
CA GLY B 152 -7.49 13.09 -26.66
C GLY B 152 -6.15 13.77 -26.43
N ILE B 153 -6.14 15.04 -26.05
CA ILE B 153 -4.89 15.74 -25.82
C ILE B 153 -4.51 15.66 -24.34
N TYR B 154 -3.32 15.15 -24.07
CA TYR B 154 -2.86 14.99 -22.70
C TYR B 154 -1.86 16.06 -22.27
N SER B 155 -1.76 16.27 -20.97
CA SER B 155 -0.83 17.25 -20.43
C SER B 155 -0.08 16.65 -19.24
N TYR B 156 1.19 16.98 -19.11
CA TYR B 156 2.03 16.46 -18.04
C TYR B 156 2.03 17.37 -16.83
N GLY B 157 2.00 16.77 -15.64
CA GLY B 157 2.01 17.56 -14.42
C GLY B 157 2.10 16.82 -13.10
N GLY B 158 1.91 17.57 -12.01
CA GLY B 158 1.96 17.00 -10.68
C GLY B 158 0.72 17.33 -9.88
N PHE B 159 0.89 17.64 -8.61
CA PHE B 159 -0.26 17.94 -7.76
C PHE B 159 -0.81 19.36 -7.93
N GLU B 160 -0.24 20.13 -8.86
CA GLU B 160 -0.70 21.50 -9.11
C GLU B 160 -1.88 21.44 -10.08
N LEU B 161 -2.07 20.29 -10.70
CA LEU B 161 -3.17 20.12 -11.64
C LEU B 161 -4.34 19.37 -10.99
N GLN B 162 -5.55 19.82 -11.32
CA GLN B 162 -6.77 19.23 -10.80
C GLN B 162 -6.75 17.72 -10.96
N THR B 163 -7.24 17.02 -9.96
CA THR B 163 -7.29 15.56 -10.00
C THR B 163 -8.13 15.12 -11.19
N PRO B 164 -7.61 14.20 -11.99
CA PRO B 164 -8.33 13.71 -13.15
C PRO B 164 -9.40 12.72 -12.72
N GLY B 165 -8.99 11.83 -11.82
CA GLY B 165 -9.86 10.79 -11.30
C GLY B 165 -11.18 11.22 -10.67
N PRO B 166 -11.87 10.27 -10.01
CA PRO B 166 -13.16 10.37 -9.32
C PRO B 166 -13.51 11.65 -8.55
N GLY B 167 -13.20 11.71 -7.26
CA GLY B 167 -13.55 12.91 -6.51
C GLY B 167 -12.88 13.21 -5.19
N ASN B 168 -12.03 12.33 -4.68
CA ASN B 168 -11.35 12.61 -3.43
C ASN B 168 -9.85 12.58 -3.65
N GLY B 169 -9.14 13.48 -2.98
CA GLY B 169 -7.69 13.52 -3.11
C GLY B 169 -7.16 13.64 -4.54
N ASP B 170 -5.94 13.15 -4.74
CA ASP B 170 -5.31 13.23 -6.04
C ASP B 170 -5.09 11.84 -6.65
N GLN B 171 -4.39 11.80 -7.78
CA GLN B 171 -4.07 10.58 -8.48
C GLN B 171 -2.70 10.76 -9.15
N TYR B 172 -1.96 9.67 -9.31
CA TYR B 172 -0.69 9.74 -10.01
C TYR B 172 -0.75 8.61 -11.04
N SER B 173 -0.12 8.81 -12.19
CA SER B 173 -0.15 7.78 -13.21
C SER B 173 1.25 7.35 -13.59
N MET B 174 2.25 8.02 -13.02
CA MET B 174 3.65 7.72 -13.27
C MET B 174 4.51 7.88 -12.01
N VAL B 175 5.65 7.18 -11.99
CA VAL B 175 6.60 7.27 -10.89
C VAL B 175 7.94 7.39 -11.61
N LEU B 176 8.55 8.56 -11.51
CA LEU B 176 9.82 8.82 -12.17
C LEU B 176 10.90 7.79 -11.80
N ILE B 177 11.42 7.11 -12.81
CA ILE B 177 12.45 6.10 -12.60
C ILE B 177 13.74 6.65 -11.96
N GLY B 178 13.94 7.96 -12.05
CA GLY B 178 15.14 8.57 -11.51
C GLY B 178 15.32 8.46 -10.00
N ALA B 179 14.39 7.80 -9.33
CA ALA B 179 14.45 7.58 -7.89
C ALA B 179 13.47 6.44 -7.67
N SER B 180 13.81 5.27 -8.19
CA SER B 180 12.92 4.13 -8.07
C SER B 180 13.57 2.77 -8.11
N PHE B 181 12.73 1.78 -7.87
CA PHE B 181 13.12 0.38 -7.89
C PHE B 181 12.21 -0.26 -8.95
N PHE B 182 12.82 -0.94 -9.92
CA PHE B 182 12.01 -1.62 -10.93
C PHE B 182 12.79 -2.81 -11.45
N ASN B 183 12.07 -3.81 -11.94
CA ASN B 183 12.66 -5.04 -12.43
C ASN B 183 13.68 -4.82 -13.55
N SER B 184 14.82 -5.48 -13.45
CA SER B 184 15.86 -5.34 -14.45
C SER B 184 15.42 -5.88 -15.81
N LYS B 185 14.46 -6.80 -15.82
CA LYS B 185 14.00 -7.34 -17.08
C LYS B 185 13.28 -6.29 -17.91
N TYR B 186 13.02 -5.13 -17.33
CA TYR B 186 12.33 -4.05 -18.06
C TYR B 186 13.28 -3.23 -18.94
N LEU B 187 14.58 -3.39 -18.73
CA LEU B 187 15.58 -2.68 -19.52
C LEU B 187 15.77 -3.40 -20.86
N GLU B 188 15.59 -4.72 -20.83
CA GLU B 188 15.71 -5.53 -22.02
C GLU B 188 14.41 -5.33 -22.79
N LEU B 189 13.31 -5.27 -22.05
CA LEU B 189 12.00 -5.09 -22.65
C LEU B 189 11.88 -3.72 -23.31
N PHE B 190 12.69 -2.78 -22.83
CA PHE B 190 12.70 -1.42 -23.36
C PHE B 190 13.43 -1.41 -24.70
N GLN B 191 14.53 -2.15 -24.77
CA GLN B 191 15.31 -2.21 -25.99
C GLN B 191 14.46 -2.70 -27.15
N LYS B 192 13.46 -3.52 -26.85
CA LYS B 192 12.57 -4.06 -27.88
C LYS B 192 11.36 -3.19 -28.19
N GLN B 193 11.41 -1.91 -27.82
CA GLN B 193 10.28 -1.02 -28.08
C GLN B 193 10.35 -0.43 -29.48
N PRO B 194 9.20 -0.01 -30.04
CA PRO B 194 9.14 0.59 -31.37
C PRO B 194 10.23 1.64 -31.55
N ALA B 195 11.04 1.46 -32.59
CA ALA B 195 12.13 2.38 -32.88
C ALA B 195 11.75 3.82 -32.54
N ALA B 196 10.57 4.24 -32.98
CA ALA B 196 10.08 5.60 -32.74
C ALA B 196 10.22 6.04 -31.29
N VAL B 197 10.01 5.11 -30.37
CA VAL B 197 10.13 5.43 -28.95
C VAL B 197 11.55 5.88 -28.67
N HIS B 198 12.52 5.09 -29.14
CA HIS B 198 13.92 5.44 -28.94
C HIS B 198 14.22 6.82 -29.52
N ALA B 199 13.78 7.03 -30.76
CA ALA B 199 13.99 8.31 -31.44
C ALA B 199 13.52 9.46 -30.55
N LEU B 200 12.29 9.34 -30.05
CA LEU B 200 11.68 10.35 -29.19
C LEU B 200 12.55 10.72 -28.00
N ILE B 201 13.02 9.71 -27.28
CA ILE B 201 13.87 9.93 -26.11
C ILE B 201 15.12 10.71 -26.52
N ASP B 202 15.82 10.22 -27.55
CA ASP B 202 17.03 10.85 -28.06
C ASP B 202 16.75 12.28 -28.52
N GLU B 203 15.68 12.40 -29.31
CA GLU B 203 15.24 13.67 -29.88
C GLU B 203 15.11 14.80 -28.84
N THR B 204 14.42 14.53 -27.74
CA THR B 204 14.21 15.53 -26.70
C THR B 204 15.19 15.43 -25.53
N GLN B 205 15.90 14.30 -25.45
CA GLN B 205 16.86 14.07 -24.36
C GLN B 205 16.06 14.27 -23.07
N ASN B 206 14.91 13.61 -23.02
CA ASN B 206 13.99 13.73 -21.92
C ASN B 206 12.93 12.67 -22.21
N CYS B 207 12.05 12.39 -21.26
CA CYS B 207 10.98 11.43 -21.47
C CYS B 207 11.30 9.96 -21.30
N ASP B 208 12.55 9.63 -21.02
CA ASP B 208 12.89 8.23 -20.84
C ASP B 208 12.02 7.63 -19.73
N ASP B 209 11.88 8.36 -18.63
CA ASP B 209 11.07 7.88 -17.51
C ASP B 209 9.60 7.74 -17.88
N ILE B 210 9.12 8.60 -18.78
CA ILE B 210 7.72 8.52 -19.18
C ILE B 210 7.53 7.32 -20.10
N ALA B 211 8.55 7.05 -20.91
CA ALA B 211 8.47 5.92 -21.82
C ALA B 211 8.43 4.64 -20.99
N MET B 212 9.24 4.59 -19.93
CA MET B 212 9.28 3.42 -19.04
C MET B 212 7.93 3.15 -18.38
N ASN B 213 7.27 4.21 -17.93
CA ASN B 213 5.97 4.04 -17.29
C ASN B 213 4.97 3.51 -18.29
N PHE B 214 5.07 3.96 -19.53
CA PHE B 214 4.19 3.51 -20.59
C PHE B 214 4.42 2.02 -20.80
N LEU B 215 5.69 1.66 -20.89
CA LEU B 215 6.13 0.29 -21.09
C LEU B 215 5.61 -0.67 -20.03
N VAL B 216 5.91 -0.38 -18.77
CA VAL B 216 5.49 -1.24 -17.66
C VAL B 216 3.97 -1.42 -17.52
N THR B 217 3.21 -0.35 -17.69
CA THR B 217 1.78 -0.46 -17.54
C THR B 217 1.19 -1.30 -18.66
N ARG B 218 1.71 -1.13 -19.88
CA ARG B 218 1.23 -1.92 -21.01
C ARG B 218 1.54 -3.38 -20.74
N HIS B 219 2.70 -3.64 -20.14
CA HIS B 219 3.11 -5.01 -19.86
C HIS B 219 2.30 -5.73 -18.78
N THR B 220 2.15 -5.09 -17.63
CA THR B 220 1.43 -5.69 -16.50
C THR B 220 -0.07 -5.46 -16.48
N GLY B 221 -0.52 -4.41 -17.16
CA GLY B 221 -1.93 -4.11 -17.18
C GLY B 221 -2.36 -3.47 -15.88
N LYS B 222 -1.39 -3.17 -15.01
CA LYS B 222 -1.66 -2.55 -13.73
C LYS B 222 -1.10 -1.13 -13.79
N PRO B 223 -1.21 -0.38 -12.68
CA PRO B 223 -0.66 0.97 -12.70
C PRO B 223 0.84 0.81 -12.89
N SER B 224 1.46 1.71 -13.64
CA SER B 224 2.89 1.59 -13.88
C SER B 224 3.70 1.55 -12.59
N GLY B 225 3.37 2.40 -11.63
CA GLY B 225 4.14 2.38 -10.40
C GLY B 225 3.35 2.49 -9.11
N ILE B 226 4.06 2.29 -8.00
CA ILE B 226 3.49 2.39 -6.67
C ILE B 226 4.34 3.42 -5.96
N PHE B 227 3.69 4.46 -5.45
CA PHE B 227 4.37 5.53 -4.75
C PHE B 227 4.65 5.25 -3.27
N VAL B 228 5.92 5.39 -2.89
CA VAL B 228 6.31 5.21 -1.50
C VAL B 228 6.76 6.60 -1.01
N LYS B 229 6.11 7.11 0.03
CA LYS B 229 6.47 8.45 0.54
C LYS B 229 7.84 8.46 1.22
N PRO B 230 8.81 9.16 0.62
CA PRO B 230 10.14 9.23 1.19
C PRO B 230 10.13 9.91 2.56
N ILE B 231 10.76 9.28 3.55
CA ILE B 231 10.80 9.83 4.89
C ILE B 231 11.94 10.82 5.00
N ASN B 232 12.98 10.60 4.19
CA ASN B 232 14.15 11.48 4.18
C ASN B 232 14.88 11.36 2.85
N MET B 233 14.49 12.22 1.90
CA MET B 233 15.11 12.26 0.58
C MET B 233 15.38 13.74 0.34
N VAL B 234 16.53 14.04 -0.25
CA VAL B 234 16.87 15.43 -0.50
C VAL B 234 17.53 15.60 -1.83
N ASN B 235 17.32 16.77 -2.41
CA ASN B 235 17.90 17.06 -3.71
C ASN B 235 19.09 17.99 -3.53
N LEU B 236 20.22 17.61 -4.10
CA LEU B 236 21.44 18.39 -4.01
C LEU B 236 21.73 19.16 -5.30
N GLU B 237 20.76 19.15 -6.20
CA GLU B 237 20.86 19.83 -7.49
C GLU B 237 21.71 21.11 -7.45
N LYS B 238 21.36 22.00 -6.54
CA LYS B 238 22.06 23.27 -6.40
C LYS B 238 23.54 23.13 -6.04
N GLU B 239 23.82 22.35 -4.99
CA GLU B 239 25.19 22.11 -4.53
C GLU B 239 26.06 21.38 -5.54
N THR B 240 26.67 22.13 -6.46
CA THR B 240 27.53 21.53 -7.49
C THR B 240 28.21 22.60 -8.34
N SER B 244 23.53 22.50 -13.92
CA SER B 244 22.72 23.19 -12.91
C SER B 244 21.32 22.57 -12.77
N GLY B 245 21.01 21.61 -13.65
CA GLY B 245 19.71 20.98 -13.61
C GLY B 245 19.01 21.02 -14.96
N MET B 246 18.34 19.92 -15.30
CA MET B 246 17.64 19.82 -16.56
C MET B 246 16.25 20.46 -16.58
N TRP B 247 15.45 20.20 -15.54
CA TRP B 247 14.09 20.73 -15.48
C TRP B 247 13.96 22.25 -15.37
N HIS B 248 15.10 22.93 -15.30
CA HIS B 248 15.07 24.38 -15.20
C HIS B 248 14.99 25.00 -16.60
N ARG B 249 15.38 24.22 -17.60
CA ARG B 249 15.38 24.67 -18.99
C ARG B 249 13.96 25.03 -19.43
N ALA B 250 13.81 26.22 -20.01
CA ALA B 250 12.51 26.73 -20.45
C ALA B 250 11.50 25.74 -21.04
N GLU B 251 11.94 24.90 -21.98
CA GLU B 251 11.03 23.95 -22.63
C GLU B 251 10.91 22.55 -22.01
N HIS B 252 11.42 22.38 -20.79
CA HIS B 252 11.37 21.09 -20.11
C HIS B 252 9.96 20.49 -19.93
N PHE B 253 9.13 21.17 -19.17
CA PHE B 253 7.77 20.68 -18.91
C PHE B 253 6.94 20.53 -20.17
N LEU B 254 6.91 21.59 -20.96
CA LEU B 254 6.15 21.59 -22.21
C LEU B 254 6.52 20.38 -23.05
N GLN B 255 7.79 19.97 -22.95
CA GLN B 255 8.31 18.82 -23.69
C GLN B 255 7.69 17.54 -23.19
N ARG B 256 7.60 17.42 -21.87
CA ARG B 256 7.03 16.25 -21.24
C ARG B 256 5.59 15.99 -21.65
N SER B 257 4.80 17.05 -21.80
CA SER B 257 3.43 16.87 -22.23
C SER B 257 3.53 16.29 -23.64
N TYR B 258 4.27 16.99 -24.48
CA TYR B 258 4.52 16.60 -25.86
C TYR B 258 4.81 15.10 -25.94
N CYS B 259 5.70 14.63 -25.08
CA CYS B 259 6.06 13.23 -25.05
C CYS B 259 4.91 12.30 -24.76
N ILE B 260 4.04 12.69 -23.83
CA ILE B 260 2.91 11.84 -23.51
C ILE B 260 2.07 11.66 -24.78
N ASN B 261 1.81 12.76 -25.48
CA ASN B 261 1.03 12.71 -26.71
C ASN B 261 1.72 11.90 -27.81
N LYS B 262 3.02 12.11 -28.00
CA LYS B 262 3.78 11.36 -29.01
C LYS B 262 3.74 9.88 -28.68
N LEU B 263 3.96 9.56 -27.41
CA LEU B 263 3.95 8.17 -26.97
C LEU B 263 2.58 7.57 -27.19
N VAL B 264 1.54 8.34 -26.86
CA VAL B 264 0.18 7.87 -27.05
C VAL B 264 -0.06 7.54 -28.51
N ASN B 265 0.54 8.33 -29.40
CA ASN B 265 0.38 8.11 -30.82
C ASN B 265 1.14 6.85 -31.26
N ILE B 266 2.40 6.74 -30.83
CA ILE B 266 3.23 5.59 -31.15
C ILE B 266 2.61 4.27 -30.66
N TYR B 267 1.75 4.37 -29.65
CA TYR B 267 1.10 3.19 -29.07
C TYR B 267 -0.39 3.12 -29.38
N ASP B 268 -0.88 4.07 -30.15
CA ASP B 268 -2.30 4.08 -30.50
C ASP B 268 -3.15 3.86 -29.24
N GLY B 269 -3.02 4.77 -28.27
CA GLY B 269 -3.77 4.67 -27.04
C GLY B 269 -3.02 5.19 -25.83
N MET B 270 -3.75 5.54 -24.79
CA MET B 270 -3.16 6.05 -23.55
C MET B 270 -3.25 4.96 -22.46
N PRO B 271 -2.17 4.18 -22.28
CA PRO B 271 -2.11 3.10 -21.30
C PRO B 271 -2.02 3.47 -19.81
N LEU B 272 -1.24 4.49 -19.48
CA LEU B 272 -1.08 4.90 -18.08
C LEU B 272 -2.38 4.79 -17.31
N LYS B 273 -2.28 4.25 -16.10
CA LYS B 273 -3.45 4.09 -15.25
C LYS B 273 -3.26 4.81 -13.92
N TYR B 274 -4.32 5.49 -13.47
CA TYR B 274 -4.28 6.24 -12.23
C TYR B 274 -4.27 5.39 -10.96
N SER B 275 -3.59 5.89 -9.95
CA SER B 275 -3.49 5.20 -8.68
C SER B 275 -3.47 6.25 -7.58
N ASN B 276 -4.15 5.96 -6.46
CA ASN B 276 -4.17 6.91 -5.36
C ASN B 276 -3.54 6.32 -4.10
N ILE B 277 -2.83 5.21 -4.27
CA ILE B 277 -2.16 4.53 -3.16
C ILE B 277 -0.85 5.18 -2.73
N MET B 278 -0.75 5.55 -1.46
CA MET B 278 0.48 6.12 -0.93
C MET B 278 0.96 5.19 0.19
N ILE B 279 2.13 4.60 0.02
CA ILE B 279 2.65 3.69 1.01
C ILE B 279 3.67 4.31 1.96
N SER B 280 3.44 4.17 3.25
CA SER B 280 4.39 4.67 4.24
C SER B 280 4.75 3.47 5.10
N GLN B 281 5.83 3.57 5.85
CA GLN B 281 6.28 2.50 6.72
C GLN B 281 5.54 2.55 8.04
N PHE B 282 4.82 1.48 8.34
CA PHE B 282 4.06 1.39 9.57
C PHE B 282 5.00 1.53 10.74
N GLY B 283 4.85 2.58 11.54
CA GLY B 283 5.69 2.76 12.69
C GLY B 283 7.02 3.47 12.47
N PHE B 284 7.19 4.07 11.30
CA PHE B 284 8.41 4.80 11.00
C PHE B 284 8.03 6.13 10.36
N PRO B 285 8.15 7.24 11.11
CA PRO B 285 8.62 7.37 12.49
C PRO B 285 7.67 6.73 13.49
N TYR B 286 8.15 6.55 14.72
CA TYR B 286 7.35 5.94 15.78
C TYR B 286 5.94 6.51 15.84
N ALA B 287 4.96 5.62 16.00
CA ALA B 287 3.55 5.98 16.11
C ALA B 287 2.96 6.87 15.01
N ASN B 288 3.41 6.70 13.78
CA ASN B 288 2.89 7.50 12.69
C ASN B 288 1.56 6.90 12.21
N HIS B 289 1.12 5.85 12.88
CA HIS B 289 -0.12 5.17 12.55
C HIS B 289 -1.29 5.77 13.34
N LYS B 290 -0.99 6.46 14.43
CA LYS B 290 -2.04 7.06 15.24
C LYS B 290 -2.41 8.46 14.73
C1 GAL C . -6.39 2.42 23.24
C2 GAL C . -7.07 1.68 22.08
C3 GAL C . -7.61 0.32 22.56
C4 GAL C . -6.44 -0.50 23.19
C5 GAL C . -5.77 0.34 24.33
C6 GAL C . -4.59 -0.43 24.95
O1 GAL C . -5.84 3.57 22.74
O2 GAL C . -8.15 2.45 21.53
O3 GAL C . -8.18 -0.38 21.64
O4 GAL C . -5.49 -0.82 22.17
O5 GAL C . -5.31 1.62 23.81
O6 GAL C . -3.38 -0.17 24.27
C1 BDP C . -9.02 -1.58 21.68
C2 BDP C . -10.09 -1.60 20.54
C3 BDP C . -10.91 -2.91 20.68
C4 BDP C . -9.93 -4.06 20.47
C5 BDP C . -8.83 -4.10 21.44
C6 BDP C . -7.90 -5.09 21.26
O2 BDP C . -10.86 -0.67 20.70
O3 BDP C . -11.90 -3.00 19.67
O4 BDP C . -10.59 -5.34 20.55
O5 BDP C . -8.11 -2.77 21.45
O6A BDP C . -8.24 -6.32 21.68
O6B BDP C . -6.80 -4.92 20.77
C1 GAL D . 9.51 21.53 -7.48
C2 GAL D . 10.00 20.10 -7.75
C3 GAL D . 10.30 19.92 -9.25
C4 GAL D . 9.02 20.26 -10.07
C5 GAL D . 8.53 21.70 -9.69
C6 GAL D . 7.24 22.04 -10.43
O1 GAL D . 9.21 21.63 -6.15
O2 GAL D . 11.18 19.80 -7.00
O3 GAL D . 10.70 18.75 -9.58
O4 GAL D . 8.00 19.30 -9.79
O5 GAL D . 8.30 21.81 -8.26
O6 GAL D . 6.97 23.42 -10.33
C1 BDP D . 11.25 18.21 -10.83
C2 BDP D . 12.21 16.99 -10.59
C3 BDP D . 12.71 16.52 -11.99
C4 BDP D . 11.47 16.08 -12.78
C5 BDP D . 10.48 17.12 -12.99
C6 BDP D . 9.35 16.79 -13.65
O2 BDP D . 13.17 17.37 -9.94
O3 BDP D . 13.58 15.41 -11.85
O4 BDP D . 11.83 15.58 -14.09
O5 BDP D . 10.08 17.73 -11.66
O6A BDP D . 9.40 16.84 -14.99
O6B BDP D . 8.30 16.45 -13.11
MN MN E . -15.49 -1.64 20.95
N1 UDP F . -20.75 -7.68 21.21
C2 UDP F . -21.67 -8.73 21.24
N3 UDP F . -21.78 -9.37 22.45
C4 UDP F . -21.06 -9.08 23.63
C5 UDP F . -20.13 -7.99 23.54
C6 UDP F . -20.02 -7.35 22.35
O2 UDP F . -22.31 -9.01 20.22
O4 UDP F . -21.25 -9.73 24.64
C1' UDP F . -20.61 -6.94 19.92
C2' UDP F . -20.69 -5.44 19.84
O2' UDP F . -22.01 -4.94 19.58
C3' UDP F . -19.66 -5.11 18.76
C4' UDP F . -18.63 -6.22 18.82
O4' UDP F . -19.39 -7.34 19.33
O3' UDP F . -20.24 -5.12 17.47
C5' UDP F . -17.45 -5.84 19.68
O5' UDP F . -17.66 -5.56 21.03
PA UDP F . -16.97 -4.36 21.80
O1A UDP F . -17.44 -4.33 23.20
O2A UDP F . -17.14 -3.03 21.15
O3A UDP F . -15.40 -4.84 21.63
PB UDP F . -14.13 -4.10 22.15
O1B UDP F . -13.11 -5.36 22.24
O2B UDP F . -14.49 -3.60 23.50
O3B UDP F . -13.95 -2.88 21.34
C1 EDO G . 0.65 -7.01 1.26
O1 EDO G . -0.08 -8.01 2.16
C2 EDO G . 0.73 -7.42 -0.22
O2 EDO G . -0.69 -7.89 -0.69
MN MN H . 17.50 16.50 -11.03
N1 UDP I . 21.78 13.77 -17.43
C2 UDP I . 22.56 13.22 -18.48
N3 UDP I . 22.73 14.06 -19.57
C4 UDP I . 22.19 15.36 -19.73
C5 UDP I . 21.40 15.85 -18.61
C6 UDP I . 21.23 15.05 -17.54
O2 UDP I . 23.04 12.11 -18.36
O4 UDP I . 22.41 15.98 -20.74
C1' UDP I . 21.60 12.90 -16.24
C2' UDP I . 21.88 13.37 -14.86
O2' UDP I . 23.24 13.10 -14.42
C3' UDP I . 20.81 12.65 -14.04
C4' UDP I . 19.64 12.45 -14.98
O4' UDP I . 20.29 12.39 -16.28
O3' UDP I . 21.24 11.38 -13.59
C5' UDP I . 18.59 13.54 -14.86
O5' UDP I . 18.93 14.87 -15.16
PA UDP I . 18.64 16.10 -14.19
O1A UDP I . 19.33 17.31 -14.71
O2A UDP I . 19.00 15.85 -12.75
O3A UDP I . 17.00 16.12 -14.37
PB UDP I . 15.96 17.06 -13.68
O1B UDP I . 14.73 16.85 -14.71
O2B UDP I . 16.56 18.42 -13.79
O3B UDP I . 15.92 16.79 -12.22
C1 EDO J . -1.52 -2.62 -6.98
O1 EDO J . -0.20 -3.34 -7.30
C2 EDO J . -1.48 -1.10 -7.18
O2 EDO J . -0.85 -0.79 -8.59
#